data_5QUT
#
_entry.id   5QUT
#
_cell.length_a   39.931
_cell.length_b   61.678
_cell.length_c   86.783
_cell.angle_alpha   90.000
_cell.angle_beta   90.000
_cell.angle_gamma   90.000
#
_symmetry.space_group_name_H-M   'P 21 21 21'
#
loop_
_entity.id
_entity.type
_entity.pdbx_description
1 polymer RadA
2 non-polymer 1H-indazole
3 non-polymer 'PHOSPHATE ION'
4 water water
#
_entity_poly.entity_id   1
_entity_poly.type   'polypeptide(L)'
_entity_poly.pdbx_seq_one_letter_code
;MATIGRISTGSKSLDKLLGGGIETQAITEVFGEFGSGKTQLAHTLAVMVQLPPEEGGLNGSVMWIDTENTFRPERIREIA
QNRGLDPDEVLKHIAYARAFNSNHQMLLVQQAEDMIKELLNTDRPVKLLIVDSLTSHFRSEYIGRGALAERQQKLAKHLA
DLHRLANLYDIAVFVTNQVQANGGHILAHSATLRVYLRKGKGGKRIARLIDAPHLPEGEAVFSITEKGIED
;
_entity_poly.pdbx_strand_id   A
#
loop_
_chem_comp.id
_chem_comp.type
_chem_comp.name
_chem_comp.formula
LZ1 non-polymer 1H-indazole 'C7 H6 N2'
PO4 non-polymer 'PHOSPHATE ION' 'O4 P -3'
#
# COMPACT_ATOMS: atom_id res chain seq x y z
N ALA A 2 14.67 -8.12 -13.49
CA ALA A 2 14.83 -8.46 -12.08
C ALA A 2 13.68 -9.33 -11.60
N THR A 3 14.01 -10.32 -10.78
CA THR A 3 13.01 -11.23 -10.24
C THR A 3 12.08 -10.51 -9.27
N ILE A 4 10.81 -10.90 -9.29
CA ILE A 4 9.82 -10.32 -8.38
C ILE A 4 10.18 -10.67 -6.94
N GLY A 5 9.88 -9.75 -6.03
CA GLY A 5 9.92 -10.03 -4.62
C GLY A 5 8.52 -10.10 -4.05
N ARG A 6 8.37 -10.72 -2.88
CA ARG A 6 7.09 -10.83 -2.20
C ARG A 6 7.22 -10.35 -0.77
N ILE A 7 6.20 -9.64 -0.30
CA ILE A 7 6.14 -9.13 1.06
C ILE A 7 4.96 -9.78 1.77
N SER A 8 5.23 -10.40 2.92
CA SER A 8 4.13 -10.94 3.71
C SER A 8 3.26 -9.81 4.24
N THR A 9 1.95 -10.07 4.28
CA THR A 9 0.99 -9.15 4.87
C THR A 9 0.88 -9.28 6.38
N GLY A 10 1.48 -10.33 6.95
CA GLY A 10 1.27 -10.69 8.34
C GLY A 10 0.27 -11.81 8.54
N SER A 11 -0.58 -12.07 7.54
CA SER A 11 -1.61 -13.11 7.61
C SER A 11 -1.25 -14.22 6.62
N LYS A 12 -1.15 -15.45 7.11
CA LYS A 12 -0.89 -16.57 6.21
C LYS A 12 -2.06 -16.77 5.24
N SER A 13 -3.28 -16.51 5.71
CA SER A 13 -4.45 -16.63 4.87
C SER A 13 -4.40 -15.64 3.72
N LEU A 14 -4.16 -14.37 4.03
CA LEU A 14 -4.07 -13.36 2.98
C LEU A 14 -2.87 -13.60 2.07
N ASP A 15 -1.73 -14.00 2.65
CA ASP A 15 -0.56 -14.29 1.80
C ASP A 15 -0.89 -15.37 0.78
N LYS A 16 -1.61 -16.42 1.20
CA LYS A 16 -1.95 -17.50 0.27
C LYS A 16 -2.87 -17.00 -0.83
N LEU A 17 -3.88 -16.20 -0.46
CA LEU A 17 -4.76 -15.62 -1.47
C LEU A 17 -3.97 -14.86 -2.52
N LEU A 18 -2.92 -14.15 -2.09
CA LEU A 18 -2.13 -13.31 -2.98
C LEU A 18 -1.07 -14.08 -3.76
N GLY A 19 -0.96 -15.38 -3.55
CA GLY A 19 0.07 -16.14 -4.23
C GLY A 19 1.43 -16.08 -3.56
N GLY A 20 1.47 -15.66 -2.30
CA GLY A 20 2.71 -15.63 -1.56
C GLY A 20 3.08 -14.29 -0.95
N GLY A 21 2.17 -13.33 -0.98
CA GLY A 21 2.40 -11.98 -0.47
C GLY A 21 2.23 -10.95 -1.57
N ILE A 22 2.34 -9.67 -1.18
CA ILE A 22 2.23 -8.62 -2.18
C ILE A 22 3.51 -8.56 -3.01
N GLU A 23 3.36 -8.31 -4.32
CA GLU A 23 4.46 -8.43 -5.27
C GLU A 23 5.13 -7.09 -5.54
N THR A 24 6.45 -7.09 -5.67
CA THR A 24 7.10 -5.96 -6.30
C THR A 24 6.82 -6.00 -7.81
N GLN A 25 7.11 -4.88 -8.48
CA GLN A 25 6.82 -4.73 -9.90
C GLN A 25 5.34 -4.88 -10.18
N ALA A 26 4.52 -4.41 -9.25
CA ALA A 26 3.06 -4.50 -9.35
C ALA A 26 2.45 -3.41 -8.49
N ILE A 27 1.25 -3.00 -8.87
CA ILE A 27 0.38 -2.18 -8.03
C ILE A 27 -0.72 -3.07 -7.50
N THR A 28 -0.80 -3.18 -6.18
CA THR A 28 -1.90 -3.88 -5.53
C THR A 28 -2.83 -2.84 -4.93
N GLU A 29 -4.09 -2.87 -5.34
CA GLU A 29 -5.11 -1.98 -4.81
C GLU A 29 -5.99 -2.77 -3.87
N VAL A 30 -6.18 -2.24 -2.65
N VAL A 30 -6.14 -2.27 -2.64
CA VAL A 30 -7.18 -2.75 -1.71
CA VAL A 30 -7.18 -2.75 -1.74
C VAL A 30 -8.31 -1.75 -1.65
C VAL A 30 -8.31 -1.74 -1.75
N PHE A 31 -9.55 -2.23 -1.83
CA PHE A 31 -10.70 -1.34 -1.87
C PHE A 31 -11.79 -1.93 -0.99
N GLY A 32 -12.60 -1.05 -0.44
CA GLY A 32 -13.67 -1.46 0.44
C GLY A 32 -14.19 -0.25 1.19
N GLU A 33 -15.23 -0.51 1.99
CA GLU A 33 -15.88 0.58 2.69
C GLU A 33 -14.98 1.15 3.78
N PHE A 34 -15.33 2.34 4.24
CA PHE A 34 -14.72 2.91 5.42
C PHE A 34 -14.73 1.87 6.54
N GLY A 35 -13.58 1.66 7.17
CA GLY A 35 -13.44 0.73 8.27
C GLY A 35 -13.12 -0.70 7.90
N SER A 36 -12.89 -0.99 6.62
CA SER A 36 -12.62 -2.37 6.20
C SER A 36 -11.22 -2.83 6.51
N GLY A 37 -10.33 -1.93 6.95
CA GLY A 37 -8.99 -2.30 7.35
C GLY A 37 -7.91 -1.95 6.36
N LYS A 38 -8.20 -1.15 5.34
CA LYS A 38 -7.21 -0.85 4.30
C LYS A 38 -5.97 -0.19 4.91
N THR A 39 -6.18 0.80 5.78
CA THR A 39 -5.04 1.51 6.34
C THR A 39 -4.29 0.66 7.36
N GLN A 40 -4.98 -0.24 8.07
CA GLN A 40 -4.28 -1.15 8.97
C GLN A 40 -3.37 -2.09 8.18
N LEU A 41 -3.84 -2.56 7.02
CA LEU A 41 -2.99 -3.39 6.18
C LEU A 41 -1.78 -2.61 5.67
N ALA A 42 -1.99 -1.35 5.29
CA ALA A 42 -0.87 -0.52 4.84
C ALA A 42 0.16 -0.36 5.96
N HIS A 43 -0.30 -0.07 7.18
CA HIS A 43 0.63 0.06 8.31
C HIS A 43 1.38 -1.24 8.53
N THR A 44 0.69 -2.38 8.43
CA THR A 44 1.36 -3.66 8.66
C THR A 44 2.42 -3.93 7.60
N LEU A 45 2.08 -3.69 6.33
CA LEU A 45 3.04 -3.89 5.25
C LEU A 45 4.27 -3.00 5.41
N ALA A 46 4.08 -1.77 5.89
CA ALA A 46 5.21 -0.87 6.09
C ALA A 46 6.19 -1.40 7.13
N VAL A 47 5.74 -2.27 8.03
CA VAL A 47 6.64 -2.97 8.94
C VAL A 47 7.18 -4.25 8.32
N MET A 48 6.29 -5.07 7.73
CA MET A 48 6.72 -6.38 7.25
C MET A 48 7.82 -6.27 6.20
N VAL A 49 7.74 -5.26 5.33
CA VAL A 49 8.73 -5.16 4.26
C VAL A 49 10.14 -4.99 4.80
N GLN A 50 10.27 -4.49 6.03
CA GLN A 50 11.56 -4.22 6.63
C GLN A 50 12.20 -5.47 7.21
N LEU A 51 11.45 -6.56 7.33
CA LEU A 51 12.00 -7.82 7.80
C LEU A 51 12.97 -8.40 6.76
N PRO A 52 13.85 -9.30 7.19
CA PRO A 52 14.70 -10.00 6.24
C PRO A 52 13.88 -10.98 5.40
N PRO A 53 14.40 -11.41 4.27
CA PRO A 53 13.58 -12.22 3.34
C PRO A 53 13.09 -13.53 3.93
N GLU A 54 13.89 -14.20 4.76
CA GLU A 54 13.42 -15.47 5.31
C GLU A 54 12.27 -15.28 6.29
N GLU A 55 12.00 -14.06 6.72
CA GLU A 55 10.86 -13.77 7.58
C GLU A 55 9.71 -13.11 6.84
N GLY A 56 9.78 -12.98 5.52
CA GLY A 56 8.69 -12.45 4.74
C GLY A 56 8.84 -11.00 4.33
N GLY A 57 9.99 -10.37 4.58
CA GLY A 57 10.26 -9.03 4.13
C GLY A 57 11.26 -8.99 3.00
N LEU A 58 11.69 -7.78 2.67
CA LEU A 58 12.65 -7.55 1.60
C LEU A 58 13.82 -6.69 2.06
N ASN A 59 14.06 -6.60 3.37
CA ASN A 59 15.09 -5.69 3.90
C ASN A 59 14.91 -4.29 3.31
N GLY A 60 13.64 -3.87 3.18
CA GLY A 60 13.36 -2.68 2.41
C GLY A 60 12.93 -1.50 3.24
N SER A 61 13.04 -0.31 2.64
CA SER A 61 12.52 0.93 3.15
C SER A 61 11.18 1.24 2.49
N VAL A 62 10.52 2.28 2.99
CA VAL A 62 9.14 2.57 2.62
C VAL A 62 9.01 4.04 2.28
N MET A 63 8.17 4.33 1.28
CA MET A 63 7.72 5.70 1.03
C MET A 63 6.20 5.70 1.12
N TRP A 64 5.64 6.68 1.82
CA TRP A 64 4.23 6.70 2.16
C TRP A 64 3.66 8.06 1.78
N ILE A 65 2.69 8.06 0.88
CA ILE A 65 1.94 9.26 0.50
C ILE A 65 0.56 9.16 1.15
N ASP A 66 0.25 10.11 2.02
CA ASP A 66 -0.94 10.12 2.84
C ASP A 66 -1.82 11.27 2.39
N THR A 67 -3.06 10.96 2.00
CA THR A 67 -3.99 11.98 1.53
C THR A 67 -5.07 12.34 2.54
N GLU A 68 -5.15 11.59 3.65
CA GLU A 68 -6.24 11.74 4.60
C GLU A 68 -5.75 11.94 6.03
N ASN A 69 -4.45 12.12 6.23
CA ASN A 69 -3.89 12.31 7.56
C ASN A 69 -4.16 11.11 8.45
N THR A 70 -4.07 9.91 7.87
CA THR A 70 -4.38 8.68 8.58
C THR A 70 -3.14 7.86 8.98
N PHE A 71 -1.95 8.25 8.55
CA PHE A 71 -0.75 7.59 9.01
C PHE A 71 -0.56 7.84 10.50
N ARG A 72 -0.22 6.79 11.24
CA ARG A 72 -0.03 6.88 12.68
C ARG A 72 1.34 6.33 13.05
N PRO A 73 2.33 7.18 13.31
CA PRO A 73 3.66 6.68 13.67
C PRO A 73 3.64 5.71 14.85
N GLU A 74 2.79 5.95 15.85
CA GLU A 74 2.77 5.05 16.99
C GLU A 74 2.19 3.69 16.65
N ARG A 75 1.33 3.63 15.63
CA ARG A 75 0.87 2.31 15.18
C ARG A 75 2.01 1.53 14.55
N ILE A 76 2.83 2.20 13.73
CA ILE A 76 4.04 1.56 13.21
C ILE A 76 4.89 1.05 14.36
N ARG A 77 5.13 1.90 15.36
CA ARG A 77 6.03 1.51 16.44
C ARG A 77 5.46 0.32 17.22
N GLU A 78 4.14 0.31 17.40
CA GLU A 78 3.51 -0.80 18.11
C GLU A 78 3.67 -2.11 17.35
N ILE A 79 3.33 -2.10 16.06
CA ILE A 79 3.43 -3.30 15.23
C ILE A 79 4.85 -3.80 15.23
N ALA A 80 5.80 -2.89 15.02
CA ALA A 80 7.21 -3.25 14.97
C ALA A 80 7.65 -3.91 16.28
N GLN A 81 7.40 -3.25 17.40
CA GLN A 81 7.81 -3.80 18.69
C GLN A 81 7.21 -5.18 18.93
N ASN A 82 5.93 -5.34 18.64
CA ASN A 82 5.28 -6.61 18.89
C ASN A 82 5.72 -7.71 17.93
N ARG A 83 6.39 -7.35 16.84
CA ARG A 83 6.99 -8.33 15.95
C ARG A 83 8.49 -8.49 16.18
N GLY A 84 9.02 -7.91 17.25
CA GLY A 84 10.41 -8.08 17.60
C GLY A 84 11.37 -7.11 16.95
N LEU A 85 10.86 -6.07 16.30
CA LEU A 85 11.70 -5.09 15.62
C LEU A 85 11.79 -3.81 16.45
N ASP A 86 12.89 -3.10 16.28
CA ASP A 86 13.06 -1.85 16.98
C ASP A 86 12.08 -0.82 16.44
N PRO A 87 11.19 -0.27 17.28
CA PRO A 87 10.14 0.61 16.74
C PRO A 87 10.68 1.88 16.10
N ASP A 88 11.77 2.42 16.64
CA ASP A 88 12.29 3.67 16.12
C ASP A 88 13.07 3.46 14.83
N GLU A 89 13.78 2.35 14.70
CA GLU A 89 14.44 2.04 13.43
C GLU A 89 13.42 1.80 12.33
N VAL A 90 12.34 1.07 12.64
CA VAL A 90 11.32 0.81 11.64
C VAL A 90 10.67 2.11 11.19
N LEU A 91 10.34 2.98 12.14
CA LEU A 91 9.72 4.25 11.78
C LEU A 91 10.66 5.11 10.94
N LYS A 92 11.95 5.11 11.28
CA LYS A 92 12.93 5.93 10.57
C LYS A 92 13.02 5.55 9.10
N HIS A 93 12.72 4.30 8.76
CA HIS A 93 12.84 3.83 7.39
C HIS A 93 11.56 4.04 6.58
N ILE A 94 10.64 4.86 7.07
CA ILE A 94 9.45 5.25 6.33
C ILE A 94 9.59 6.73 6.01
N ALA A 95 9.75 7.05 4.72
CA ALA A 95 9.65 8.42 4.27
C ALA A 95 8.18 8.76 4.11
N TYR A 96 7.76 9.91 4.62
CA TYR A 96 6.35 10.24 4.75
C TYR A 96 6.06 11.60 4.13
N ALA A 97 5.00 11.66 3.34
CA ALA A 97 4.57 12.91 2.75
C ALA A 97 3.05 12.98 2.74
N ARG A 98 2.51 14.13 3.12
CA ARG A 98 1.08 14.41 2.97
C ARG A 98 0.83 15.07 1.62
N ALA A 99 -0.11 14.51 0.87
CA ALA A 99 -0.53 15.08 -0.41
C ALA A 99 -1.72 15.99 -0.15
N PHE A 100 -1.58 17.26 -0.56
CA PHE A 100 -2.57 18.29 -0.25
C PHE A 100 -3.75 18.27 -1.23
N ASN A 101 -3.52 17.81 -2.45
CA ASN A 101 -4.56 17.71 -3.47
C ASN A 101 -4.05 16.71 -4.50
N SER A 102 -4.87 16.45 -5.53
CA SER A 102 -4.49 15.40 -6.49
C SER A 102 -3.27 15.79 -7.31
N ASN A 103 -3.11 17.08 -7.63
CA ASN A 103 -1.96 17.49 -8.43
C ASN A 103 -0.67 17.37 -7.63
N HIS A 104 -0.74 17.69 -6.33
CA HIS A 104 0.40 17.50 -5.45
C HIS A 104 0.71 16.02 -5.28
N GLN A 105 -0.33 15.20 -5.13
CA GLN A 105 -0.17 13.75 -5.07
C GLN A 105 0.59 13.23 -6.30
N MET A 106 0.25 13.74 -7.47
CA MET A 106 0.92 13.29 -8.69
C MET A 106 2.38 13.74 -8.71
N LEU A 107 2.65 14.98 -8.29
CA LEU A 107 4.04 15.44 -8.22
C LEU A 107 4.84 14.62 -7.24
N LEU A 108 4.23 14.26 -6.09
CA LEU A 108 4.95 13.49 -5.07
C LEU A 108 5.43 12.16 -5.61
N VAL A 109 4.64 11.53 -6.48
CA VAL A 109 5.09 10.26 -7.04
C VAL A 109 6.32 10.47 -7.92
N GLN A 110 6.29 11.53 -8.74
CA GLN A 110 7.48 11.84 -9.53
C GLN A 110 8.65 12.20 -8.63
N GLN A 111 8.37 12.94 -7.56
CA GLN A 111 9.42 13.32 -6.62
C GLN A 111 10.04 12.11 -5.92
N ALA A 112 9.23 11.08 -5.63
CA ALA A 112 9.70 9.91 -4.92
C ALA A 112 10.86 9.24 -5.65
N GLU A 113 10.95 9.40 -6.97
CA GLU A 113 12.01 8.75 -7.73
C GLU A 113 13.39 9.18 -7.25
N ASP A 114 13.50 10.42 -6.75
CA ASP A 114 14.81 10.89 -6.30
C ASP A 114 15.32 10.05 -5.13
N MET A 115 14.47 9.84 -4.12
CA MET A 115 14.89 9.04 -2.98
C MET A 115 15.06 7.58 -3.36
N ILE A 116 14.19 7.08 -4.25
CA ILE A 116 14.34 5.71 -4.70
C ILE A 116 15.72 5.50 -5.32
N LYS A 117 16.14 6.40 -6.22
CA LYS A 117 17.47 6.28 -6.81
C LYS A 117 18.55 6.39 -5.75
N GLU A 118 18.39 7.32 -4.81
CA GLU A 118 19.39 7.52 -3.77
C GLU A 118 19.63 6.25 -2.97
N LEU A 119 18.56 5.52 -2.66
CA LEU A 119 18.64 4.36 -1.78
C LEU A 119 18.85 3.04 -2.52
N LEU A 120 18.87 3.07 -3.86
CA LEU A 120 18.75 1.85 -4.64
C LEU A 120 19.83 0.84 -4.31
N ASN A 121 21.05 1.30 -4.06
CA ASN A 121 22.18 0.41 -3.80
C ASN A 121 22.67 0.46 -2.35
N THR A 122 21.84 0.98 -1.44
CA THR A 122 22.09 0.82 -0.01
C THR A 122 21.59 -0.55 0.43
N ASP A 123 21.78 -0.86 1.70
CA ASP A 123 21.28 -2.15 2.18
C ASP A 123 19.80 -2.14 2.47
N ARG A 124 19.14 -0.98 2.40
CA ARG A 124 17.70 -0.87 2.60
C ARG A 124 17.08 -0.02 1.49
N PRO A 125 17.09 -0.52 0.27
CA PRO A 125 16.43 0.19 -0.84
C PRO A 125 14.93 0.30 -0.59
N VAL A 126 14.31 1.28 -1.24
CA VAL A 126 12.85 1.37 -1.19
C VAL A 126 12.26 0.11 -1.80
N LYS A 127 11.38 -0.55 -1.06
CA LYS A 127 10.72 -1.74 -1.57
C LYS A 127 9.21 -1.64 -1.50
N LEU A 128 8.67 -0.61 -0.88
CA LEU A 128 7.23 -0.45 -0.75
C LEU A 128 6.90 1.03 -0.87
N LEU A 129 5.96 1.35 -1.76
CA LEU A 129 5.44 2.70 -1.91
C LEU A 129 3.94 2.62 -1.69
N ILE A 130 3.45 3.32 -0.67
CA ILE A 130 2.04 3.30 -0.29
C ILE A 130 1.42 4.62 -0.72
N VAL A 131 0.24 4.54 -1.33
CA VAL A 131 -0.61 5.70 -1.56
C VAL A 131 -1.95 5.43 -0.88
N ASP A 132 -2.22 6.18 0.18
CA ASP A 132 -3.41 5.99 1.01
C ASP A 132 -3.94 7.40 1.27
N SER A 133 -4.98 7.84 0.55
CA SER A 133 -5.79 7.08 -0.39
C SER A 133 -5.44 7.45 -1.83
N LEU A 134 -5.47 6.47 -2.72
CA LEU A 134 -5.21 6.74 -4.13
C LEU A 134 -6.23 7.72 -4.70
N THR A 135 -7.49 7.60 -4.30
CA THR A 135 -8.59 8.20 -5.04
C THR A 135 -9.27 9.37 -4.33
N SER A 136 -9.04 9.57 -3.03
CA SER A 136 -9.86 10.53 -2.28
C SER A 136 -9.82 11.93 -2.88
N HIS A 137 -8.62 12.43 -3.23
CA HIS A 137 -8.54 13.78 -3.80
C HIS A 137 -9.17 13.83 -5.18
N PHE A 138 -8.96 12.77 -5.99
CA PHE A 138 -9.56 12.74 -7.31
C PHE A 138 -11.08 12.77 -7.21
N ARG A 139 -11.64 12.06 -6.24
CA ARG A 139 -13.09 12.01 -6.06
C ARG A 139 -13.64 13.37 -5.63
N SER A 140 -12.92 14.08 -4.77
CA SER A 140 -13.43 15.36 -4.31
C SER A 140 -13.30 16.45 -5.37
N GLU A 141 -12.27 16.38 -6.21
CA GLU A 141 -11.96 17.45 -7.14
C GLU A 141 -12.64 17.31 -8.49
N TYR A 142 -12.80 16.09 -9.00
CA TYR A 142 -13.33 15.85 -10.33
C TYR A 142 -14.72 15.28 -10.11
N ILE A 143 -15.74 16.13 -10.21
CA ILE A 143 -17.12 15.78 -9.89
C ILE A 143 -18.04 16.48 -10.87
N GLY A 144 -19.08 15.78 -11.30
CA GLY A 144 -20.10 16.37 -12.15
C GLY A 144 -19.90 15.99 -13.61
N ARG A 145 -20.76 16.54 -14.45
CA ARG A 145 -20.75 16.17 -15.87
C ARG A 145 -19.38 16.42 -16.46
N GLY A 146 -18.86 15.42 -17.17
CA GLY A 146 -17.53 15.51 -17.76
C GLY A 146 -16.41 15.02 -16.86
N ALA A 147 -16.68 14.82 -15.58
CA ALA A 147 -15.62 14.47 -14.65
C ALA A 147 -15.18 13.03 -14.79
N LEU A 148 -16.07 12.13 -15.22
CA LEU A 148 -15.67 10.74 -15.31
C LEU A 148 -14.46 10.59 -16.23
N ALA A 149 -14.55 11.13 -17.45
CA ALA A 149 -13.45 11.00 -18.40
C ALA A 149 -12.21 11.71 -17.90
N GLU A 150 -12.38 12.92 -17.34
CA GLU A 150 -11.23 13.69 -16.90
C GLU A 150 -10.53 13.01 -15.74
N ARG A 151 -11.32 12.55 -14.76
CA ARG A 151 -10.75 11.92 -13.58
C ARG A 151 -10.06 10.62 -13.95
N GLN A 152 -10.68 9.82 -14.81
CA GLN A 152 -10.08 8.55 -15.21
C GLN A 152 -8.79 8.76 -15.99
N GLN A 153 -8.73 9.81 -16.81
CA GLN A 153 -7.50 10.08 -17.56
C GLN A 153 -6.38 10.50 -16.64
N LYS A 154 -6.67 11.36 -15.66
CA LYS A 154 -5.63 11.78 -14.70
C LYS A 154 -5.19 10.61 -13.85
N LEU A 155 -6.14 9.79 -13.37
CA LEU A 155 -5.77 8.62 -12.58
C LEU A 155 -4.94 7.66 -13.41
N ALA A 156 -5.27 7.51 -14.69
CA ALA A 156 -4.49 6.61 -15.54
C ALA A 156 -3.04 7.07 -15.64
N LYS A 157 -2.82 8.38 -15.75
CA LYS A 157 -1.45 8.89 -15.81
C LYS A 157 -0.73 8.68 -14.48
N HIS A 158 -1.43 8.94 -13.38
CA HIS A 158 -0.86 8.73 -12.05
C HIS A 158 -0.48 7.27 -11.87
N LEU A 159 -1.38 6.35 -12.25
CA LEU A 159 -1.08 4.93 -12.14
C LEU A 159 0.04 4.51 -13.08
N ALA A 160 0.10 5.10 -14.28
CA ALA A 160 1.24 4.83 -15.15
C ALA A 160 2.56 5.23 -14.49
N ASP A 161 2.58 6.38 -13.82
CA ASP A 161 3.78 6.79 -13.10
C ASP A 161 4.13 5.79 -12.01
N LEU A 162 3.13 5.32 -11.27
CA LEU A 162 3.37 4.35 -10.22
C LEU A 162 3.84 3.01 -10.78
N HIS A 163 3.24 2.56 -11.90
CA HIS A 163 3.69 1.33 -12.52
C HIS A 163 5.14 1.42 -12.93
N ARG A 164 5.55 2.58 -13.49
CA ARG A 164 6.93 2.73 -13.89
C ARG A 164 7.88 2.61 -12.70
N LEU A 165 7.56 3.27 -11.58
CA LEU A 165 8.44 3.15 -10.41
C LEU A 165 8.51 1.69 -9.94
N ALA A 166 7.35 1.03 -9.86
CA ALA A 166 7.32 -0.36 -9.43
C ALA A 166 8.19 -1.23 -10.31
N ASN A 167 8.05 -1.05 -11.63
CA ASN A 167 8.71 -1.93 -12.60
C ASN A 167 10.18 -1.58 -12.78
N LEU A 168 10.52 -0.30 -12.73
CA LEU A 168 11.89 0.11 -12.99
C LEU A 168 12.78 -0.15 -11.78
N TYR A 169 12.24 0.02 -10.58
CA TYR A 169 13.05 -0.03 -9.37
C TYR A 169 12.72 -1.21 -8.48
N ASP A 170 11.88 -2.14 -8.93
CA ASP A 170 11.57 -3.36 -8.20
C ASP A 170 10.94 -3.05 -6.84
N ILE A 171 9.81 -2.33 -6.91
CA ILE A 171 9.08 -1.85 -5.74
C ILE A 171 7.67 -2.41 -5.79
N ALA A 172 7.13 -2.75 -4.61
CA ALA A 172 5.72 -3.04 -4.49
C ALA A 172 4.99 -1.74 -4.22
N VAL A 173 4.03 -1.42 -5.07
CA VAL A 173 3.16 -0.27 -4.86
C VAL A 173 1.85 -0.79 -4.29
N PHE A 174 1.42 -0.20 -3.18
CA PHE A 174 0.22 -0.63 -2.47
C PHE A 174 -0.66 0.60 -2.29
N VAL A 175 -1.88 0.54 -2.81
CA VAL A 175 -2.77 1.70 -2.81
C VAL A 175 -4.12 1.32 -2.23
N THR A 176 -4.79 2.30 -1.64
CA THR A 176 -6.10 2.10 -1.04
C THR A 176 -7.16 2.91 -1.77
N ASN A 177 -8.38 2.40 -1.73
CA ASN A 177 -9.49 3.04 -2.44
C ASN A 177 -10.77 2.78 -1.68
N GLN A 178 -11.41 3.83 -1.17
CA GLN A 178 -12.64 3.68 -0.42
C GLN A 178 -13.83 3.57 -1.38
N VAL A 179 -14.61 2.49 -1.25
CA VAL A 179 -15.64 2.14 -2.21
C VAL A 179 -16.93 1.74 -1.50
N GLN A 180 -18.05 2.32 -1.95
CA GLN A 180 -19.42 1.77 -1.85
C GLN A 180 -20.40 2.57 -1.00
N ILE A 186 -18.54 0.41 -11.91
CA ILE A 186 -18.53 0.41 -13.36
C ILE A 186 -17.23 0.99 -13.93
N LEU A 187 -16.45 1.67 -13.11
CA LEU A 187 -15.26 2.35 -13.60
C LEU A 187 -14.13 1.35 -13.88
N ALA A 188 -13.30 1.70 -14.85
CA ALA A 188 -12.10 0.92 -15.15
C ALA A 188 -11.04 1.21 -14.09
N HIS A 189 -10.16 0.22 -13.88
CA HIS A 189 -9.03 0.35 -12.98
C HIS A 189 -7.80 -0.22 -13.66
N SER A 190 -6.64 0.32 -13.30
CA SER A 190 -5.38 -0.07 -13.93
C SER A 190 -4.39 -0.72 -12.96
N ALA A 191 -4.80 -1.00 -11.72
CA ALA A 191 -3.92 -1.71 -10.80
C ALA A 191 -3.62 -3.11 -11.32
N THR A 192 -2.47 -3.66 -10.90
CA THR A 192 -2.14 -5.03 -11.30
C THR A 192 -3.12 -6.03 -10.70
N LEU A 193 -3.45 -5.85 -9.43
CA LEU A 193 -4.28 -6.78 -8.69
C LEU A 193 -5.17 -5.95 -7.78
N ARG A 194 -6.45 -6.31 -7.71
CA ARG A 194 -7.41 -5.62 -6.88
C ARG A 194 -7.95 -6.58 -5.83
N VAL A 195 -7.94 -6.14 -4.58
CA VAL A 195 -8.37 -6.95 -3.45
C VAL A 195 -9.51 -6.21 -2.76
N TYR A 196 -10.67 -6.85 -2.72
CA TYR A 196 -11.83 -6.32 -2.03
C TYR A 196 -11.78 -6.75 -0.57
N LEU A 197 -11.86 -5.77 0.32
CA LEU A 197 -11.81 -6.00 1.76
C LEU A 197 -13.14 -5.61 2.39
N ARG A 198 -13.62 -6.41 3.34
CA ARG A 198 -14.85 -6.07 4.04
C ARG A 198 -14.81 -6.61 5.46
N LYS A 199 -15.68 -6.06 6.30
CA LYS A 199 -15.84 -6.55 7.66
C LYS A 199 -16.60 -7.87 7.66
N GLY A 200 -16.17 -8.79 8.51
CA GLY A 200 -16.90 -10.02 8.73
C GLY A 200 -17.30 -10.18 10.19
N LYS A 201 -17.76 -11.38 10.53
CA LYS A 201 -18.18 -11.66 11.88
C LYS A 201 -16.96 -11.74 12.80
N GLY A 202 -17.20 -11.53 14.09
CA GLY A 202 -16.15 -11.66 15.09
C GLY A 202 -15.00 -10.68 14.93
N GLY A 203 -15.27 -9.50 14.36
CA GLY A 203 -14.23 -8.52 14.13
C GLY A 203 -13.29 -8.86 12.99
N LYS A 204 -13.53 -9.96 12.28
CA LYS A 204 -12.62 -10.36 11.24
C LYS A 204 -12.78 -9.48 10.00
N ARG A 205 -11.74 -9.47 9.20
CA ARG A 205 -11.77 -8.86 7.87
C ARG A 205 -11.66 -9.98 6.85
N ILE A 206 -12.36 -9.81 5.73
CA ILE A 206 -12.42 -10.81 4.67
C ILE A 206 -11.91 -10.18 3.39
N ALA A 207 -11.02 -10.88 2.69
CA ALA A 207 -10.43 -10.38 1.47
C ALA A 207 -10.75 -11.31 0.31
N ARG A 208 -11.07 -10.72 -0.85
CA ARG A 208 -11.35 -11.47 -2.06
C ARG A 208 -10.64 -10.80 -3.22
N LEU A 209 -10.06 -11.60 -4.11
CA LEU A 209 -9.49 -11.05 -5.32
C LEU A 209 -10.58 -10.74 -6.34
N ILE A 210 -10.44 -9.61 -6.99
CA ILE A 210 -11.39 -9.16 -8.00
C ILE A 210 -10.63 -9.28 -9.32
N ASP A 211 -10.82 -10.39 -10.03
CA ASP A 211 -9.97 -10.71 -11.19
C ASP A 211 -10.36 -9.93 -12.43
N GLY A 218 -11.67 -17.98 -3.82
CA GLY A 218 -11.53 -18.13 -2.39
C GLY A 218 -11.44 -16.80 -1.67
N GLU A 219 -11.49 -16.85 -0.34
CA GLU A 219 -11.40 -15.65 0.46
C GLU A 219 -10.47 -15.90 1.63
N ALA A 220 -9.69 -14.88 1.95
CA ALA A 220 -8.84 -14.89 3.13
C ALA A 220 -9.54 -14.19 4.27
N VAL A 221 -9.21 -14.59 5.49
CA VAL A 221 -9.80 -14.01 6.68
C VAL A 221 -8.67 -13.67 7.63
N PHE A 222 -8.73 -12.49 8.24
CA PHE A 222 -7.69 -12.07 9.16
C PHE A 222 -8.28 -11.16 10.23
N SER A 223 -7.51 -10.97 11.30
CA SER A 223 -7.85 -10.05 12.38
C SER A 223 -6.85 -8.89 12.39
N ILE A 224 -7.30 -7.78 12.96
CA ILE A 224 -6.45 -6.63 13.22
C ILE A 224 -6.05 -6.69 14.69
N THR A 225 -4.75 -6.75 14.96
CA THR A 225 -4.27 -7.04 16.30
C THR A 225 -3.13 -6.09 16.65
N GLU A 226 -2.55 -6.30 17.83
CA GLU A 226 -1.38 -5.53 18.22
C GLU A 226 -0.17 -5.80 17.33
N LYS A 227 -0.22 -6.87 16.52
CA LYS A 227 0.82 -7.15 15.53
C LYS A 227 0.46 -6.63 14.15
N GLY A 228 -0.58 -5.79 14.04
CA GLY A 228 -0.99 -5.28 12.75
C GLY A 228 -2.16 -6.10 12.25
N ILE A 229 -1.90 -7.06 11.36
CA ILE A 229 -2.89 -8.07 11.03
C ILE A 229 -2.24 -9.43 11.15
N GLU A 230 -3.06 -10.43 11.45
CA GLU A 230 -2.61 -11.81 11.50
C GLU A 230 -3.84 -12.70 11.37
N ASP A 231 -3.60 -14.01 11.22
CA ASP A 231 -4.70 -14.95 11.09
C ASP A 231 -5.58 -14.96 12.34
C1 LZ1 B . 8.44 11.28 0.41
C2 LZ1 B . 8.51 11.80 -0.89
C3 LZ1 B . 7.58 11.36 -1.84
C4 LZ1 B . 6.62 10.44 -1.48
C5 LZ1 B . 6.57 9.93 -0.19
C6 LZ1 B . 7.47 10.34 0.77
N LZ1 B . 9.44 11.87 1.12
C9 LZ1 B . 9.61 12.69 -0.85
N2 LZ1 B . 10.16 12.74 0.34
H6 LZ1 B . 7.44 9.95 1.79
H LZ1 B . 9.69 11.72 2.09
H3 LZ1 B . 7.63 11.76 -2.86
H9 LZ1 B . 9.99 13.30 -1.68
H4 LZ1 B . 5.90 10.10 -2.23
H5 LZ1 B . 5.81 9.20 0.08
P PO4 C . -10.18 1.71 6.21
O1 PO4 C . -10.43 0.69 5.14
O2 PO4 C . -8.79 2.30 6.01
O3 PO4 C . -10.24 1.02 7.55
O4 PO4 C . -11.22 2.81 6.16
#